data_6QB9
#
_entry.id   6QB9
#
_cell.length_a   77.880
_cell.length_b   63.030
_cell.length_c   101.700
_cell.angle_alpha   90.00
_cell.angle_beta   109.96
_cell.angle_gamma   90.00
#
_symmetry.space_group_name_H-M   'C 1 2 1'
#
loop_
_entity.id
_entity.type
_entity.pdbx_description
1 polymer scFv55
2 non-polymer 'L(+)-TARTARIC ACID'
3 water water
#
_entity_poly.entity_id   1
_entity_poly.type   'polypeptide(L)'
_entity_poly.pdbx_seq_one_letter_code
;QVTLKESGGGLVKPGGSLRLSCAASGFTFSSYSMNWVRQAPGKGLEWVSSISSSSSYIYYADSVKGRFTISRDNAKNSLY
LQMNSLRAEDTAVYYCARQVGATWAFDIWGQGTLVTVSSGGGGSGGGGSGGGGSAQSVLTQPPSASGTPGQRVTISCSGS
SSNIGSNTVNWYQQLPGTAPKLLIYSNNQRPSGVPDRFSGSKSGTSASLAISGLQSEDEADYYCAAWDDSLNAWVFGGGT
KLTVLGAAAENLYFQ
;
_entity_poly.pdbx_strand_id   A,X
#
loop_
_chem_comp.id
_chem_comp.type
_chem_comp.name
_chem_comp.formula
TLA non-polymer 'L(+)-TARTARIC ACID' 'C4 H6 O6'
#
# COMPACT_ATOMS: atom_id res chain seq x y z
N GLN A 1 27.20 -11.38 5.05
CA GLN A 1 26.20 -11.36 3.99
C GLN A 1 25.14 -10.26 4.22
N VAL A 2 25.49 -9.03 3.82
CA VAL A 2 24.68 -7.82 3.94
C VAL A 2 23.88 -7.65 2.64
N THR A 3 22.54 -7.77 2.69
CA THR A 3 21.73 -7.61 1.47
C THR A 3 20.51 -6.69 1.60
N LEU A 4 20.23 -6.01 0.50
CA LEU A 4 19.06 -5.15 0.31
C LEU A 4 18.42 -5.60 -0.97
N LYS A 5 17.11 -5.89 -0.94
CA LYS A 5 16.40 -6.33 -2.14
C LYS A 5 15.12 -5.53 -2.27
N GLU A 6 14.99 -4.84 -3.38
CA GLU A 6 13.82 -4.03 -3.72
C GLU A 6 12.79 -4.88 -4.49
N SER A 7 11.49 -4.56 -4.34
CA SER A 7 10.39 -5.22 -5.06
C SER A 7 9.27 -4.19 -5.29
N GLY A 8 8.36 -4.49 -6.22
CA GLY A 8 7.20 -3.65 -6.44
C GLY A 8 7.15 -2.85 -7.73
N GLY A 9 8.24 -2.86 -8.48
CA GLY A 9 8.33 -2.13 -9.75
C GLY A 9 7.55 -2.77 -10.87
N GLY A 10 7.34 -2.00 -11.93
CA GLY A 10 6.59 -2.43 -13.10
C GLY A 10 5.97 -1.24 -13.82
N LEU A 11 4.94 -1.51 -14.62
CA LEU A 11 4.22 -0.54 -15.45
C LEU A 11 3.03 0.07 -14.74
N VAL A 12 2.94 1.40 -14.77
CA VAL A 12 1.85 2.15 -14.13
C VAL A 12 1.51 3.35 -14.99
N LYS A 13 0.25 3.70 -15.03
CA LYS A 13 -0.19 4.83 -15.85
C LYS A 13 0.08 6.15 -15.13
N PRO A 14 0.33 7.27 -15.86
CA PRO A 14 0.49 8.57 -15.18
C PRO A 14 -0.72 8.90 -14.31
N GLY A 15 -0.46 9.47 -13.13
CA GLY A 15 -1.46 9.80 -12.13
C GLY A 15 -1.71 8.67 -11.15
N GLY A 16 -1.16 7.48 -11.48
CA GLY A 16 -1.28 6.26 -10.67
C GLY A 16 -0.42 6.24 -9.42
N SER A 17 -0.49 5.11 -8.68
CA SER A 17 0.27 4.89 -7.43
C SER A 17 0.89 3.52 -7.43
N LEU A 18 2.01 3.41 -6.71
CA LEU A 18 2.70 2.16 -6.55
C LEU A 18 3.33 2.25 -5.18
N ARG A 19 3.67 1.10 -4.59
CA ARG A 19 4.42 1.05 -3.34
C ARG A 19 5.60 0.15 -3.59
N LEU A 20 6.83 0.68 -3.44
CA LEU A 20 8.06 -0.13 -3.52
C LEU A 20 8.40 -0.61 -2.12
N SER A 21 9.02 -1.77 -2.05
CA SER A 21 9.47 -2.37 -0.78
C SER A 21 10.94 -2.67 -0.92
N CYS A 22 11.68 -2.57 0.18
CA CYS A 22 13.10 -2.93 0.26
C CYS A 22 13.25 -3.81 1.48
N ALA A 23 13.63 -5.07 1.27
CA ALA A 23 13.85 -6.04 2.36
C ALA A 23 15.34 -6.04 2.72
N ALA A 24 15.65 -5.97 4.00
CA ALA A 24 17.03 -5.96 4.48
C ALA A 24 17.32 -7.19 5.34
N SER A 25 18.54 -7.72 5.25
CA SER A 25 18.98 -8.82 6.10
C SER A 25 20.51 -8.76 6.29
N GLY A 26 21.00 -9.32 7.40
CA GLY A 26 22.44 -9.37 7.65
C GLY A 26 23.02 -8.22 8.47
N PHE A 27 22.20 -7.25 8.86
CA PHE A 27 22.66 -6.14 9.67
C PHE A 27 21.55 -5.67 10.57
N THR A 28 21.87 -4.80 11.52
CA THR A 28 20.88 -4.26 12.46
C THR A 28 20.16 -3.11 11.73
N PHE A 29 19.14 -3.43 10.92
CA PHE A 29 18.34 -2.46 10.17
C PHE A 29 17.84 -1.27 11.05
N SER A 30 17.32 -1.58 12.25
CA SER A 30 16.78 -0.60 13.22
C SER A 30 17.77 0.48 13.72
N SER A 31 19.07 0.38 13.40
CA SER A 31 20.08 1.35 13.83
C SER A 31 20.66 2.20 12.66
N TYR A 32 20.10 2.06 11.44
CA TYR A 32 20.61 2.84 10.32
C TYR A 32 19.60 3.72 9.65
N SER A 33 20.06 4.89 9.16
CA SER A 33 19.21 5.73 8.30
C SER A 33 19.22 5.04 6.94
N MET A 34 18.12 5.11 6.19
CA MET A 34 18.01 4.44 4.88
C MET A 34 17.59 5.46 3.82
N ASN A 35 17.92 5.19 2.56
CA ASN A 35 17.57 6.09 1.46
C ASN A 35 17.02 5.38 0.26
N TRP A 36 16.27 6.13 -0.60
CA TRP A 36 15.88 5.73 -1.94
C TRP A 36 16.61 6.66 -2.90
N VAL A 37 17.21 6.08 -3.92
CA VAL A 37 17.97 6.79 -4.98
C VAL A 37 17.47 6.16 -6.28
N ARG A 38 17.20 6.97 -7.29
CA ARG A 38 16.73 6.39 -8.54
C ARG A 38 17.63 6.75 -9.69
N GLN A 39 17.49 6.02 -10.79
CA GLN A 39 18.30 6.29 -11.98
C GLN A 39 17.43 6.15 -13.23
N ALA A 40 17.08 7.27 -13.91
CA ALA A 40 16.23 7.22 -15.12
C ALA A 40 17.01 6.51 -16.22
N PRO A 41 16.40 5.63 -17.06
CA PRO A 41 17.20 4.88 -18.07
C PRO A 41 18.13 5.75 -18.89
N GLY A 42 19.41 5.38 -18.87
CA GLY A 42 20.50 6.08 -19.55
C GLY A 42 20.83 7.45 -18.97
N LYS A 43 20.42 7.71 -17.70
CA LYS A 43 20.64 9.00 -17.03
C LYS A 43 21.37 8.85 -15.66
N GLY A 44 21.64 9.97 -14.99
CA GLY A 44 22.39 9.98 -13.73
C GLY A 44 21.65 9.50 -12.51
N LEU A 45 22.31 9.56 -11.36
CA LEU A 45 21.65 9.13 -10.11
C LEU A 45 20.87 10.29 -9.54
N GLU A 46 19.72 10.01 -8.93
CA GLU A 46 18.92 11.09 -8.37
C GLU A 46 18.39 10.61 -7.04
N TRP A 47 18.81 11.25 -5.95
CA TRP A 47 18.33 10.88 -4.62
C TRP A 47 16.84 11.22 -4.53
N VAL A 48 16.08 10.38 -3.84
CA VAL A 48 14.63 10.54 -3.72
C VAL A 48 14.20 10.92 -2.28
N SER A 49 14.66 10.16 -1.29
CA SER A 49 14.21 10.37 0.06
C SER A 49 15.11 9.66 1.04
N SER A 50 15.03 10.07 2.31
CA SER A 50 15.75 9.47 3.43
C SER A 50 14.89 9.38 4.67
N ILE A 51 15.17 8.42 5.50
CA ILE A 51 14.45 8.20 6.77
C ILE A 51 15.44 7.73 7.83
N SER A 52 15.40 8.37 9.00
CA SER A 52 16.30 7.97 10.09
C SER A 52 15.85 6.61 10.72
N SER A 53 16.73 5.97 11.47
CA SER A 53 16.50 4.67 12.11
C SER A 53 15.15 4.54 12.90
N SER A 54 14.63 5.61 13.51
CA SER A 54 13.33 5.55 14.20
C SER A 54 12.25 6.39 13.53
N SER A 55 12.44 6.71 12.23
CA SER A 55 11.49 7.49 11.41
C SER A 55 11.29 8.93 11.88
N SER A 56 12.12 9.44 12.79
CA SER A 56 11.89 10.80 13.28
C SER A 56 12.27 11.90 12.29
N TYR A 57 13.31 11.65 11.48
CA TYR A 57 13.85 12.61 10.54
C TYR A 57 13.67 12.07 9.14
N ILE A 58 12.87 12.77 8.34
CA ILE A 58 12.57 12.38 6.98
C ILE A 58 12.79 13.58 6.05
N TYR A 59 13.41 13.31 4.90
CA TYR A 59 13.68 14.32 3.87
C TYR A 59 13.22 13.83 2.53
N TYR A 60 12.85 14.78 1.65
CA TYR A 60 12.44 14.50 0.27
C TYR A 60 13.08 15.45 -0.70
N ALA A 61 13.26 14.94 -1.92
CA ALA A 61 13.73 15.70 -3.07
C ALA A 61 12.56 16.59 -3.42
N ASP A 62 12.84 17.87 -3.74
CA ASP A 62 11.78 18.86 -4.02
C ASP A 62 10.72 18.37 -4.99
N SER A 63 11.15 17.68 -6.07
CA SER A 63 10.27 17.17 -7.12
C SER A 63 9.32 16.06 -6.67
N VAL A 64 9.63 15.36 -5.56
CA VAL A 64 8.74 14.29 -5.08
C VAL A 64 8.02 14.64 -3.77
N LYS A 65 8.38 15.77 -3.16
CA LYS A 65 7.80 16.21 -1.90
C LYS A 65 6.28 16.44 -2.10
N GLY A 66 5.47 15.85 -1.22
CA GLY A 66 4.03 15.96 -1.32
C GLY A 66 3.38 14.86 -2.13
N ARG A 67 4.16 14.08 -2.91
CA ARG A 67 3.63 12.98 -3.74
C ARG A 67 4.12 11.62 -3.25
N PHE A 68 5.35 11.58 -2.72
CA PHE A 68 5.98 10.35 -2.25
C PHE A 68 5.98 10.33 -0.72
N THR A 69 5.89 9.12 -0.12
CA THR A 69 5.95 8.92 1.31
C THR A 69 6.89 7.79 1.58
N ILE A 70 7.90 8.07 2.39
CA ILE A 70 8.87 7.05 2.77
C ILE A 70 8.45 6.56 4.15
N SER A 71 8.65 5.29 4.43
CA SER A 71 8.35 4.76 5.74
C SER A 71 9.18 3.51 5.91
N ARG A 72 9.24 3.01 7.15
CA ARG A 72 9.97 1.78 7.43
C ARG A 72 9.20 0.98 8.50
N ASP A 73 9.44 -0.33 8.49
CA ASP A 73 8.87 -1.23 9.50
C ASP A 73 10.07 -1.96 10.08
N ASN A 74 10.60 -1.49 11.22
CA ASN A 74 11.78 -2.07 11.86
C ASN A 74 11.55 -3.49 12.34
N ALA A 75 10.27 -3.87 12.59
CA ALA A 75 9.92 -5.22 13.02
C ALA A 75 10.05 -6.20 11.85
N LYS A 76 9.77 -5.73 10.61
CA LYS A 76 9.83 -6.57 9.41
C LYS A 76 11.14 -6.36 8.61
N ASN A 77 12.06 -5.52 9.14
CA ASN A 77 13.34 -5.13 8.50
C ASN A 77 13.06 -4.65 7.08
N SER A 78 12.06 -3.77 6.94
CA SER A 78 11.64 -3.34 5.62
C SER A 78 11.54 -1.83 5.46
N LEU A 79 11.92 -1.33 4.28
CA LEU A 79 11.85 0.09 3.93
C LEU A 79 10.78 0.22 2.84
N TYR A 80 10.02 1.31 2.83
CA TYR A 80 9.00 1.45 1.78
C TYR A 80 9.05 2.79 1.14
N LEU A 81 8.46 2.86 -0.08
CA LEU A 81 8.30 4.12 -0.81
C LEU A 81 6.95 4.12 -1.52
N GLN A 82 6.00 4.89 -0.98
CA GLN A 82 4.66 5.06 -1.54
C GLN A 82 4.77 6.18 -2.57
N MET A 83 4.44 5.88 -3.82
CA MET A 83 4.57 6.88 -4.89
C MET A 83 3.18 7.21 -5.42
N ASN A 84 2.78 8.46 -5.29
CA ASN A 84 1.47 8.93 -5.79
C ASN A 84 1.70 9.98 -6.88
N SER A 85 0.63 10.32 -7.65
CA SER A 85 0.69 11.30 -8.73
C SER A 85 1.88 10.96 -9.69
N LEU A 86 2.00 9.67 -10.06
CA LEU A 86 3.11 9.26 -10.93
C LEU A 86 3.18 10.02 -12.25
N ARG A 87 4.38 10.40 -12.63
CA ARG A 87 4.67 11.19 -13.85
C ARG A 87 5.61 10.39 -14.72
N ALA A 88 5.63 10.68 -16.05
CA ALA A 88 6.58 10.04 -16.95
C ALA A 88 8.00 10.16 -16.38
N GLU A 89 8.34 11.35 -15.81
CA GLU A 89 9.65 11.65 -15.24
C GLU A 89 10.05 10.75 -14.05
N ASP A 90 9.09 9.96 -13.48
CA ASP A 90 9.36 9.01 -12.38
C ASP A 90 9.87 7.66 -12.91
N THR A 91 9.85 7.46 -14.23
CA THR A 91 10.39 6.24 -14.85
C THR A 91 11.91 6.17 -14.53
N ALA A 92 12.31 5.12 -13.83
CA ALA A 92 13.69 4.94 -13.35
C ALA A 92 13.85 3.61 -12.74
N VAL A 93 15.13 3.25 -12.44
CA VAL A 93 15.44 2.07 -11.62
C VAL A 93 15.57 2.68 -10.17
N TYR A 94 14.84 2.15 -9.19
CA TYR A 94 14.87 2.64 -7.80
C TYR A 94 15.71 1.73 -6.98
N TYR A 95 16.73 2.29 -6.33
CA TYR A 95 17.65 1.57 -5.42
C TYR A 95 17.38 1.99 -3.99
N CYS A 96 17.56 1.03 -3.12
CA CYS A 96 17.53 1.07 -1.68
C CYS A 96 19.00 1.27 -1.25
N ALA A 97 19.31 2.17 -0.27
CA ALA A 97 20.71 2.34 0.22
C ALA A 97 20.83 2.61 1.72
N ARG A 98 21.81 1.98 2.37
CA ARG A 98 22.09 2.17 3.78
C ARG A 98 23.07 3.35 3.96
N GLN A 99 22.79 4.22 4.93
CA GLN A 99 23.65 5.36 5.25
C GLN A 99 24.41 5.13 6.55
N VAL A 100 25.73 5.36 6.57
CA VAL A 100 26.63 5.29 7.73
C VAL A 100 26.48 6.62 8.47
N GLY A 101 26.16 6.55 9.75
CA GLY A 101 25.93 7.75 10.55
C GLY A 101 27.07 8.73 10.66
N ALA A 102 28.27 8.22 10.93
CA ALA A 102 29.45 9.05 11.16
C ALA A 102 29.96 9.80 9.93
N THR A 103 29.53 9.40 8.72
CA THR A 103 30.04 9.99 7.48
C THR A 103 28.97 10.46 6.50
N TRP A 104 27.79 9.82 6.55
CA TRP A 104 26.63 9.97 5.66
C TRP A 104 26.84 9.25 4.31
N ALA A 105 27.89 8.39 4.21
CA ALA A 105 28.16 7.59 3.02
C ALA A 105 27.09 6.48 2.82
N PHE A 106 26.72 6.20 1.57
CA PHE A 106 25.74 5.13 1.21
C PHE A 106 26.59 3.90 0.91
N ASP A 107 26.87 3.09 1.96
CA ASP A 107 27.84 2.01 1.84
C ASP A 107 27.32 0.69 1.31
N ILE A 108 25.99 0.46 1.30
CA ILE A 108 25.38 -0.77 0.84
C ILE A 108 24.21 -0.37 -0.01
N TRP A 109 24.15 -0.91 -1.23
CA TRP A 109 23.08 -0.58 -2.15
C TRP A 109 22.34 -1.85 -2.52
N GLY A 110 21.06 -1.74 -2.86
CA GLY A 110 20.28 -2.89 -3.33
C GLY A 110 20.64 -3.23 -4.77
N GLN A 111 19.75 -3.93 -5.46
CA GLN A 111 19.94 -4.32 -6.86
CA GLN A 111 19.97 -4.30 -6.86
C GLN A 111 19.13 -3.44 -7.81
N GLY A 112 18.11 -2.78 -7.26
CA GLY A 112 17.21 -1.92 -8.03
C GLY A 112 15.96 -2.61 -8.54
N THR A 113 14.88 -1.83 -8.73
CA THR A 113 13.60 -2.28 -9.26
C THR A 113 13.15 -1.20 -10.22
N LEU A 114 12.75 -1.59 -11.44
CA LEU A 114 12.35 -0.66 -12.47
C LEU A 114 10.90 -0.24 -12.37
N VAL A 115 10.66 1.07 -12.47
CA VAL A 115 9.32 1.61 -12.48
C VAL A 115 9.19 2.31 -13.83
N THR A 116 8.17 1.95 -14.65
CA THR A 116 7.93 2.57 -15.96
C THR A 116 6.56 3.21 -15.88
N VAL A 117 6.49 4.52 -16.14
CA VAL A 117 5.25 5.29 -16.10
C VAL A 117 4.90 5.60 -17.55
N SER A 118 3.91 4.88 -18.11
CA SER A 118 3.52 5.10 -19.51
C SER A 118 2.01 5.16 -19.71
N GLN A 136 21.08 19.08 -15.80
CA GLN A 136 19.98 19.19 -14.86
C GLN A 136 20.36 18.78 -13.41
N SER A 137 21.60 18.26 -13.20
CA SER A 137 22.09 17.89 -11.86
C SER A 137 22.69 19.12 -11.16
N VAL A 138 22.54 19.18 -9.82
CA VAL A 138 23.07 20.32 -9.03
C VAL A 138 24.59 20.28 -9.03
N LEU A 139 25.18 19.09 -8.87
CA LEU A 139 26.63 18.96 -8.94
C LEU A 139 26.99 18.74 -10.39
N THR A 140 28.08 19.38 -10.83
CA THR A 140 28.51 19.32 -12.22
C THR A 140 29.72 18.46 -12.47
N GLN A 141 29.54 17.45 -13.31
CA GLN A 141 30.63 16.56 -13.72
C GLN A 141 30.74 16.54 -15.24
N PRO A 142 31.95 16.26 -15.79
CA PRO A 142 32.07 16.04 -17.24
C PRO A 142 31.23 14.80 -17.62
N PRO A 143 30.45 14.79 -18.70
CA PRO A 143 29.63 13.60 -18.97
C PRO A 143 30.42 12.34 -19.39
N SER A 144 31.65 12.57 -19.91
CA SER A 144 32.57 11.52 -20.39
CA SER A 144 32.56 11.50 -20.37
C SER A 144 34.02 11.84 -20.05
N ALA A 145 34.84 10.80 -19.92
CA ALA A 145 36.26 10.84 -19.63
C ALA A 145 36.83 9.62 -20.31
N SER A 146 38.07 9.72 -20.80
CA SER A 146 38.72 8.63 -21.52
C SER A 146 40.21 8.66 -21.28
N GLY A 147 40.82 7.47 -21.29
CA GLY A 147 42.26 7.34 -21.12
C GLY A 147 42.72 6.01 -21.63
N THR A 148 44.04 5.84 -21.75
CA THR A 148 44.64 4.58 -22.19
C THR A 148 45.11 3.82 -20.94
N PRO A 149 45.17 2.47 -20.95
CA PRO A 149 45.63 1.76 -19.73
C PRO A 149 46.98 2.24 -19.18
N GLY A 150 47.07 2.37 -17.87
CA GLY A 150 48.30 2.81 -17.21
C GLY A 150 48.34 4.28 -16.87
N GLN A 151 47.60 5.10 -17.61
CA GLN A 151 47.52 6.55 -17.42
C GLN A 151 46.76 6.94 -16.13
N ARG A 152 46.79 8.24 -15.82
CA ARG A 152 46.10 8.78 -14.66
C ARG A 152 44.99 9.69 -15.18
N VAL A 153 43.77 9.52 -14.65
CA VAL A 153 42.61 10.32 -15.08
C VAL A 153 42.06 11.02 -13.84
N THR A 154 41.74 12.32 -13.96
CA THR A 154 41.14 13.06 -12.86
C THR A 154 39.82 13.59 -13.35
N ILE A 155 38.75 13.33 -12.56
CA ILE A 155 37.38 13.74 -12.83
C ILE A 155 37.00 14.80 -11.79
N SER A 156 36.48 15.93 -12.27
CA SER A 156 36.07 17.01 -11.38
C SER A 156 34.57 16.97 -11.07
N CYS A 157 34.20 17.58 -9.94
CA CYS A 157 32.84 17.69 -9.48
C CYS A 157 32.69 19.09 -8.92
N SER A 158 31.96 19.98 -9.61
CA SER A 158 31.85 21.36 -9.15
C SER A 158 30.48 21.64 -8.52
N GLY A 159 30.49 22.12 -7.29
CA GLY A 159 29.28 22.42 -6.57
C GLY A 159 29.23 23.87 -6.16
N SER A 160 28.58 24.14 -5.03
CA SER A 160 28.48 25.49 -4.55
C SER A 160 28.71 25.46 -3.05
N SER A 161 28.64 26.65 -2.43
CA SER A 161 28.83 26.89 -1.02
C SER A 161 27.97 26.01 -0.09
N SER A 162 26.69 25.83 -0.39
CA SER A 162 25.76 25.06 0.45
C SER A 162 25.92 23.54 0.38
N ASN A 163 26.62 23.03 -0.62
CA ASN A 163 26.78 21.59 -0.70
C ASN A 163 28.24 21.23 -0.48
N ILE A 164 29.07 21.12 -1.57
CA ILE A 164 30.52 20.82 -1.44
C ILE A 164 31.24 21.83 -0.51
N GLY A 165 30.82 23.08 -0.54
CA GLY A 165 31.44 24.11 0.28
C GLY A 165 31.17 23.97 1.77
N SER A 166 30.14 23.19 2.13
CA SER A 166 29.76 23.01 3.54
C SER A 166 29.83 21.59 4.03
N ASN A 167 29.79 20.61 3.12
CA ASN A 167 29.71 19.20 3.50
C ASN A 167 30.69 18.32 2.77
N THR A 168 30.97 17.12 3.29
CA THR A 168 31.92 16.19 2.66
C THR A 168 31.36 15.66 1.35
N VAL A 169 32.26 15.15 0.49
CA VAL A 169 31.87 14.60 -0.81
C VAL A 169 32.05 13.10 -0.80
N ASN A 170 31.07 12.38 -1.35
CA ASN A 170 31.23 10.95 -1.51
C ASN A 170 31.26 10.63 -3.01
N TRP A 171 31.92 9.54 -3.41
CA TRP A 171 31.99 9.13 -4.82
C TRP A 171 31.51 7.72 -4.92
N TYR A 172 30.75 7.42 -5.95
CA TYR A 172 30.17 6.10 -6.18
C TYR A 172 30.59 5.64 -7.55
N GLN A 173 30.93 4.36 -7.64
CA GLN A 173 31.32 3.76 -8.91
C GLN A 173 30.19 2.84 -9.34
N GLN A 174 29.76 2.98 -10.59
CA GLN A 174 28.75 2.10 -11.12
C GLN A 174 29.31 1.34 -12.37
N LEU A 175 29.68 0.07 -12.18
CA LEU A 175 30.19 -0.80 -13.25
C LEU A 175 29.00 -1.14 -14.20
N PRO A 176 29.19 -1.33 -15.54
CA PRO A 176 28.03 -1.63 -16.39
C PRO A 176 27.25 -2.85 -15.91
N GLY A 177 25.93 -2.74 -15.92
CA GLY A 177 25.02 -3.80 -15.46
C GLY A 177 24.98 -4.05 -13.96
N THR A 178 25.53 -3.13 -13.15
CA THR A 178 25.54 -3.28 -11.70
C THR A 178 24.95 -2.06 -11.00
N ALA A 179 24.66 -2.23 -9.71
CA ALA A 179 24.17 -1.16 -8.84
C ALA A 179 25.41 -0.31 -8.47
N PRO A 180 25.25 0.96 -8.04
CA PRO A 180 26.43 1.72 -7.61
C PRO A 180 27.06 1.14 -6.35
N LYS A 181 28.33 1.49 -6.14
CA LYS A 181 29.08 1.05 -4.96
C LYS A 181 29.89 2.22 -4.44
N LEU A 182 30.03 2.30 -3.13
CA LEU A 182 30.78 3.36 -2.47
C LEU A 182 32.24 3.26 -2.84
N LEU A 183 32.78 4.36 -3.34
CA LEU A 183 34.16 4.44 -3.79
C LEU A 183 35.01 5.31 -2.87
N ILE A 184 34.51 6.51 -2.52
CA ILE A 184 35.23 7.46 -1.66
C ILE A 184 34.21 8.05 -0.71
N TYR A 185 34.60 8.23 0.58
CA TYR A 185 33.72 8.87 1.53
C TYR A 185 34.52 9.94 2.28
N SER A 186 33.84 10.91 2.91
CA SER A 186 34.45 12.03 3.67
C SER A 186 35.57 12.67 2.86
N ASN A 187 35.34 12.90 1.57
CA ASN A 187 36.27 13.55 0.60
C ASN A 187 37.42 12.70 0.11
N ASN A 188 38.15 11.99 1.01
CA ASN A 188 39.37 11.29 0.57
C ASN A 188 39.58 9.92 1.21
N GLN A 189 38.57 9.39 1.85
CA GLN A 189 38.72 8.13 2.53
C GLN A 189 38.22 6.99 1.66
N ARG A 190 39.01 5.90 1.60
CA ARG A 190 38.68 4.74 0.82
C ARG A 190 38.07 3.69 1.72
N PRO A 191 36.87 3.16 1.42
CA PRO A 191 36.35 2.06 2.26
C PRO A 191 37.18 0.80 2.05
N SER A 192 36.92 -0.25 2.87
CA SER A 192 37.58 -1.55 2.73
C SER A 192 37.08 -2.18 1.43
N GLY A 193 38.01 -2.39 0.51
CA GLY A 193 37.70 -2.93 -0.80
C GLY A 193 38.19 -2.06 -1.94
N VAL A 194 38.49 -0.79 -1.65
CA VAL A 194 38.90 0.15 -2.69
C VAL A 194 40.42 0.29 -2.66
N PRO A 195 41.15 0.04 -3.76
CA PRO A 195 42.62 0.17 -3.73
C PRO A 195 43.09 1.63 -3.76
N ASP A 196 44.35 1.89 -3.35
CA ASP A 196 44.98 3.21 -3.27
C ASP A 196 45.12 3.92 -4.63
N ARG A 197 44.86 3.20 -5.73
CA ARG A 197 44.85 3.73 -7.11
C ARG A 197 43.75 4.80 -7.27
N PHE A 198 42.71 4.71 -6.42
CA PHE A 198 41.59 5.67 -6.39
C PHE A 198 41.81 6.67 -5.26
N SER A 199 41.78 7.96 -5.58
CA SER A 199 41.99 8.96 -4.54
C SER A 199 41.04 10.13 -4.76
N GLY A 200 40.58 10.69 -3.66
CA GLY A 200 39.67 11.83 -3.71
C GLY A 200 40.25 13.05 -3.06
N SER A 201 39.82 14.23 -3.50
CA SER A 201 40.26 15.46 -2.87
C SER A 201 39.17 16.51 -3.00
N LYS A 202 39.16 17.49 -2.08
CA LYS A 202 38.15 18.53 -2.04
C LYS A 202 38.84 19.84 -1.67
N SER A 203 38.49 20.90 -2.39
CA SER A 203 39.03 22.22 -2.11
C SER A 203 37.95 23.23 -2.47
N GLY A 204 37.51 23.99 -1.47
CA GLY A 204 36.48 25.00 -1.66
C GLY A 204 35.13 24.40 -2.00
N THR A 205 34.62 24.73 -3.21
CA THR A 205 33.32 24.27 -3.72
C THR A 205 33.47 23.23 -4.85
N SER A 206 34.64 22.60 -4.94
CA SER A 206 34.94 21.60 -5.96
C SER A 206 35.68 20.42 -5.38
N ALA A 207 35.49 19.26 -6.00
CA ALA A 207 36.07 18.00 -5.55
C ALA A 207 36.57 17.24 -6.77
N SER A 208 37.49 16.31 -6.55
CA SER A 208 38.03 15.54 -7.67
C SER A 208 38.22 14.09 -7.29
N LEU A 209 38.10 13.23 -8.26
CA LEU A 209 38.40 11.80 -8.11
C LEU A 209 39.56 11.49 -9.09
N ALA A 210 40.67 10.94 -8.58
CA ALA A 210 41.82 10.59 -9.41
C ALA A 210 41.94 9.07 -9.48
N ILE A 211 42.15 8.56 -10.69
CA ILE A 211 42.35 7.13 -10.91
C ILE A 211 43.73 6.94 -11.57
N SER A 212 44.66 6.41 -10.80
CA SER A 212 46.02 6.12 -11.28
CA SER A 212 46.01 6.13 -11.30
C SER A 212 46.09 4.68 -11.77
N GLY A 213 46.94 4.44 -12.75
CA GLY A 213 47.14 3.12 -13.33
C GLY A 213 45.86 2.57 -13.91
N LEU A 214 45.14 3.41 -14.71
CA LEU A 214 43.87 3.06 -15.36
C LEU A 214 43.92 1.62 -15.87
N GLN A 215 42.85 0.86 -15.64
CA GLN A 215 42.77 -0.52 -16.11
C GLN A 215 41.45 -0.66 -16.89
N SER A 216 41.35 -1.67 -17.78
CA SER A 216 40.10 -1.89 -18.53
C SER A 216 38.86 -2.08 -17.62
N GLU A 217 39.04 -2.63 -16.39
CA GLU A 217 37.91 -2.86 -15.48
C GLU A 217 37.37 -1.57 -14.83
N ASP A 218 38.12 -0.47 -14.95
CA ASP A 218 37.69 0.83 -14.41
C ASP A 218 36.63 1.50 -15.27
N GLU A 219 36.25 0.88 -16.43
CA GLU A 219 35.22 1.39 -17.33
C GLU A 219 33.90 1.29 -16.56
N ALA A 220 33.34 2.45 -16.21
CA ALA A 220 32.16 2.56 -15.36
C ALA A 220 31.71 4.03 -15.35
N ASP A 221 30.59 4.27 -14.69
CA ASP A 221 30.10 5.62 -14.47
C ASP A 221 30.53 6.00 -13.09
N TYR A 222 30.96 7.25 -12.91
CA TYR A 222 31.38 7.75 -11.60
C TYR A 222 30.49 8.91 -11.21
N TYR A 223 30.03 8.92 -9.96
CA TYR A 223 29.13 9.92 -9.42
C TYR A 223 29.67 10.52 -8.16
N CYS A 224 29.60 11.86 -8.04
CA CYS A 224 29.92 12.55 -6.80
C CYS A 224 28.58 12.88 -6.15
N ALA A 225 28.57 12.93 -4.81
CA ALA A 225 27.41 13.28 -3.99
C ALA A 225 27.76 14.09 -2.76
N ALA A 226 26.87 15.03 -2.39
CA ALA A 226 27.05 15.83 -1.20
C ALA A 226 25.72 16.28 -0.69
N TRP A 227 25.63 16.45 0.63
CA TRP A 227 24.39 16.94 1.23
C TRP A 227 24.39 18.44 0.94
N ASP A 228 23.22 18.99 0.65
CA ASP A 228 23.04 20.40 0.39
C ASP A 228 22.19 21.01 1.52
N ASP A 229 22.79 21.88 2.34
CA ASP A 229 22.15 22.58 3.48
C ASP A 229 21.05 23.54 3.06
N SER A 230 21.03 23.99 1.79
CA SER A 230 19.98 24.92 1.35
C SER A 230 18.77 24.20 0.84
N LEU A 231 18.98 23.12 0.07
CA LEU A 231 17.85 22.32 -0.42
C LEU A 231 17.33 21.33 0.62
N ASN A 232 18.13 21.02 1.67
CA ASN A 232 17.85 19.96 2.67
C ASN A 232 17.70 18.65 1.84
N ALA A 233 18.72 18.38 1.01
CA ALA A 233 18.65 17.26 0.08
C ALA A 233 19.99 16.79 -0.34
N TRP A 234 20.05 15.52 -0.73
CA TRP A 234 21.28 15.00 -1.29
C TRP A 234 21.28 15.46 -2.74
N VAL A 235 22.43 15.89 -3.23
CA VAL A 235 22.64 16.28 -4.62
C VAL A 235 23.76 15.37 -5.19
N PHE A 236 23.48 14.73 -6.31
CA PHE A 236 24.38 13.86 -7.06
C PHE A 236 24.76 14.52 -8.36
N GLY A 237 25.98 14.24 -8.83
CA GLY A 237 26.40 14.72 -10.13
C GLY A 237 25.65 13.97 -11.23
N GLY A 238 25.79 14.43 -12.48
CA GLY A 238 25.13 13.82 -13.62
C GLY A 238 25.79 12.52 -14.05
N GLY A 239 27.00 12.28 -13.54
CA GLY A 239 27.75 11.09 -13.84
C GLY A 239 28.77 11.32 -14.93
N THR A 240 29.92 10.66 -14.78
CA THR A 240 31.01 10.67 -15.74
C THR A 240 31.20 9.24 -16.20
N LYS A 241 30.99 9.02 -17.50
CA LYS A 241 31.22 7.71 -18.06
C LYS A 241 32.71 7.69 -18.43
N LEU A 242 33.46 6.81 -17.79
CA LEU A 242 34.87 6.69 -18.09
C LEU A 242 35.09 5.52 -19.06
N THR A 243 35.78 5.78 -20.17
CA THR A 243 36.10 4.76 -21.16
C THR A 243 37.61 4.51 -21.14
N VAL A 244 38.01 3.24 -21.08
CA VAL A 244 39.44 2.92 -21.10
C VAL A 244 39.69 2.37 -22.51
N LEU A 245 40.34 3.18 -23.36
CA LEU A 245 40.63 2.85 -24.76
C LEU A 245 42.12 2.72 -25.02
N GLY A 246 42.49 1.74 -25.82
CA GLY A 246 43.90 1.48 -26.15
C GLY A 246 44.43 2.17 -27.38
N ALA A 247 45.58 1.63 -27.85
CA ALA A 247 46.46 1.93 -28.98
C ALA A 247 46.09 3.13 -29.88
N ALA A 248 45.03 2.99 -30.72
CA ALA A 248 44.53 3.94 -31.75
C ALA A 248 45.47 4.01 -32.96
N ALA A 249 45.12 3.27 -34.04
CA ALA A 249 45.90 3.18 -35.29
C ALA A 249 45.69 4.44 -36.17
N GLU A 250 46.16 5.59 -35.65
CA GLU A 250 46.07 6.89 -36.33
C GLU A 250 46.95 6.96 -37.55
N ASN A 251 46.46 7.71 -38.53
CA ASN A 251 47.19 8.01 -39.72
C ASN A 251 47.72 9.39 -39.44
N LEU A 252 49.05 9.48 -39.23
CA LEU A 252 49.67 10.76 -39.00
C LEU A 252 50.29 11.11 -40.33
N TYR A 253 50.14 12.36 -40.73
CA TYR A 253 50.65 12.76 -42.01
C TYR A 253 51.44 14.02 -41.81
N PHE A 254 52.70 13.97 -42.22
CA PHE A 254 53.59 15.12 -42.06
C PHE A 254 54.01 15.65 -43.42
N GLN B 1 -20.06 -25.20 17.79
CA GLN B 1 -20.94 -25.18 16.64
C GLN B 1 -21.93 -24.04 16.88
N VAL B 2 -21.39 -22.80 16.92
CA VAL B 2 -22.19 -21.58 17.09
C VAL B 2 -22.89 -21.38 15.74
N THR B 3 -24.20 -21.62 15.66
CA THR B 3 -24.91 -21.49 14.38
C THR B 3 -26.24 -20.80 14.55
N LEU B 4 -26.72 -20.25 13.44
CA LEU B 4 -28.03 -19.64 13.26
C LEU B 4 -28.63 -20.29 12.05
N LYS B 5 -29.90 -20.63 12.12
CA LYS B 5 -30.52 -21.30 10.99
C LYS B 5 -31.94 -20.77 10.85
N GLU B 6 -32.20 -20.11 9.72
CA GLU B 6 -33.47 -19.48 9.35
C GLU B 6 -34.37 -20.47 8.67
N SER B 7 -35.69 -20.33 8.87
CA SER B 7 -36.75 -21.14 8.29
C SER B 7 -37.94 -20.25 7.98
N GLY B 8 -38.87 -20.74 7.17
CA GLY B 8 -40.11 -20.02 6.89
C GLY B 8 -40.23 -19.33 5.55
N GLY B 9 -39.16 -19.30 4.77
CA GLY B 9 -39.17 -18.67 3.46
C GLY B 9 -39.93 -19.44 2.40
N GLY B 10 -40.18 -18.79 1.28
CA GLY B 10 -40.87 -19.41 0.17
C GLY B 10 -41.53 -18.39 -0.74
N LEU B 11 -42.38 -18.87 -1.64
CA LEU B 11 -43.06 -18.01 -2.57
C LEU B 11 -44.33 -17.53 -1.89
N VAL B 12 -44.58 -16.22 -1.93
CA VAL B 12 -45.75 -15.61 -1.30
C VAL B 12 -46.40 -14.67 -2.30
N LYS B 13 -47.71 -14.56 -2.23
CA LYS B 13 -48.51 -13.68 -3.09
C LYS B 13 -48.32 -12.20 -2.67
N PRO B 14 -48.37 -11.21 -3.60
CA PRO B 14 -48.27 -9.80 -3.18
C PRO B 14 -49.38 -9.47 -2.18
N GLY B 15 -49.02 -8.72 -1.15
CA GLY B 15 -49.94 -8.37 -0.07
C GLY B 15 -50.09 -9.49 0.96
N GLY B 16 -49.39 -10.60 0.74
CA GLY B 16 -49.40 -11.74 1.67
C GLY B 16 -48.63 -11.47 2.94
N SER B 17 -48.68 -12.40 3.89
CA SER B 17 -48.02 -12.28 5.19
C SER B 17 -47.29 -13.57 5.49
N LEU B 18 -46.15 -13.50 6.19
CA LEU B 18 -45.37 -14.71 6.45
C LEU B 18 -44.59 -14.56 7.76
N ARG B 19 -44.17 -15.68 8.37
CA ARG B 19 -43.39 -15.63 9.59
C ARG B 19 -42.06 -16.36 9.40
N LEU B 20 -40.94 -15.66 9.63
CA LEU B 20 -39.65 -16.31 9.57
C LEU B 20 -39.27 -16.69 10.96
N SER B 21 -38.41 -17.70 11.08
CA SER B 21 -37.90 -18.16 12.36
C SER B 21 -36.41 -18.25 12.19
N CYS B 22 -35.68 -18.17 13.30
CA CYS B 22 -34.24 -18.35 13.32
C CYS B 22 -33.92 -19.15 14.59
N ALA B 23 -33.30 -20.33 14.46
CA ALA B 23 -32.90 -21.11 15.63
C ALA B 23 -31.40 -20.92 15.86
N ALA B 24 -31.04 -20.71 17.12
CA ALA B 24 -29.65 -20.50 17.54
C ALA B 24 -29.15 -21.76 18.25
N SER B 25 -27.91 -22.14 18.01
CA SER B 25 -27.29 -23.27 18.71
C SER B 25 -25.88 -22.85 19.08
N GLY B 26 -25.38 -23.42 20.20
CA GLY B 26 -24.03 -23.31 20.72
C GLY B 26 -23.63 -22.09 21.52
N PHE B 27 -24.60 -21.26 21.92
CA PHE B 27 -24.33 -20.06 22.70
C PHE B 27 -25.55 -19.69 23.51
N THR B 28 -25.39 -18.78 24.47
CA THR B 28 -26.53 -18.41 25.30
C THR B 28 -27.34 -17.38 24.54
N PHE B 29 -28.41 -17.81 23.86
CA PHE B 29 -29.24 -16.94 23.04
C PHE B 29 -29.78 -15.71 23.78
N SER B 30 -30.19 -15.89 25.04
CA SER B 30 -30.79 -14.84 25.86
C SER B 30 -29.84 -13.72 26.26
N SER B 31 -28.53 -13.86 26.00
CA SER B 31 -27.62 -12.78 26.36
C SER B 31 -27.26 -11.89 25.13
N TYR B 32 -27.86 -12.13 23.94
CA TYR B 32 -27.52 -11.35 22.74
C TYR B 32 -28.64 -10.60 22.04
N SER B 33 -28.29 -9.43 21.51
CA SER B 33 -29.19 -8.70 20.61
C SER B 33 -29.09 -9.44 19.27
N MET B 34 -30.20 -9.49 18.52
CA MET B 34 -30.27 -10.20 17.25
C MET B 34 -30.82 -9.27 16.15
N ASN B 35 -30.42 -9.51 14.91
CA ASN B 35 -30.85 -8.70 13.78
C ASN B 35 -31.37 -9.54 12.64
N TRP B 36 -32.17 -8.90 11.79
CA TRP B 36 -32.56 -9.45 10.50
C TRP B 36 -31.98 -8.51 9.46
N VAL B 37 -31.34 -9.09 8.43
CA VAL B 37 -30.72 -8.36 7.31
C VAL B 37 -31.16 -9.02 6.03
N ARG B 38 -31.52 -8.25 5.03
CA ARG B 38 -31.94 -8.91 3.80
C ARG B 38 -31.08 -8.53 2.63
N GLN B 39 -31.12 -9.35 1.60
CA GLN B 39 -30.39 -9.13 0.36
C GLN B 39 -31.28 -9.46 -0.86
N ALA B 40 -31.71 -8.43 -1.61
CA ALA B 40 -32.55 -8.65 -2.82
C ALA B 40 -31.65 -9.34 -3.89
N PRO B 41 -32.18 -10.24 -4.76
CA PRO B 41 -31.32 -10.92 -5.74
C PRO B 41 -30.50 -9.96 -6.61
N GLY B 42 -29.19 -10.17 -6.61
CA GLY B 42 -28.21 -9.36 -7.33
C GLY B 42 -27.93 -8.00 -6.72
N LYS B 43 -28.44 -7.73 -5.49
CA LYS B 43 -28.23 -6.42 -4.86
C LYS B 43 -27.54 -6.53 -3.48
N GLY B 44 -27.40 -5.38 -2.80
CA GLY B 44 -26.67 -5.25 -1.56
C GLY B 44 -27.37 -5.74 -0.31
N LEU B 45 -26.73 -5.56 0.84
CA LEU B 45 -27.29 -5.94 2.13
C LEU B 45 -28.09 -4.77 2.63
N GLU B 46 -29.26 -5.05 3.21
CA GLU B 46 -30.15 -4.01 3.70
C GLU B 46 -30.62 -4.43 5.07
N TRP B 47 -30.26 -3.70 6.09
CA TRP B 47 -30.66 -4.04 7.46
C TRP B 47 -32.19 -3.93 7.63
N VAL B 48 -32.82 -4.84 8.39
CA VAL B 48 -34.29 -4.83 8.50
C VAL B 48 -34.73 -4.41 9.93
N SER B 49 -34.19 -5.10 10.94
CA SER B 49 -34.63 -4.90 12.29
C SER B 49 -33.67 -5.46 13.31
N SER B 50 -33.72 -4.94 14.54
CA SER B 50 -32.95 -5.46 15.67
C SER B 50 -33.80 -5.58 16.95
N ILE B 51 -33.42 -6.50 17.80
CA ILE B 51 -34.12 -6.69 19.05
C ILE B 51 -33.09 -7.05 20.10
N SER B 52 -33.17 -6.40 21.26
CA SER B 52 -32.26 -6.64 22.37
C SER B 52 -32.57 -7.99 23.05
N SER B 53 -31.64 -8.47 23.88
CA SER B 53 -31.72 -9.80 24.52
C SER B 53 -32.98 -10.05 25.35
N SER B 54 -33.60 -8.99 25.92
CA SER B 54 -34.86 -9.15 26.63
C SER B 54 -36.03 -8.42 25.94
N SER B 55 -35.91 -8.17 24.61
CA SER B 55 -36.94 -7.47 23.80
C SER B 55 -37.25 -6.02 24.22
N SER B 56 -36.47 -5.39 25.11
CA SER B 56 -36.76 -3.99 25.52
C SER B 56 -36.46 -2.96 24.41
N TYR B 57 -35.38 -3.16 23.67
CA TYR B 57 -34.95 -2.21 22.65
C TYR B 57 -35.12 -2.79 21.28
N ILE B 58 -36.04 -2.19 20.52
CA ILE B 58 -36.37 -2.67 19.17
C ILE B 58 -36.29 -1.53 18.17
N TYR B 59 -35.64 -1.80 17.04
CA TYR B 59 -35.49 -0.84 15.96
C TYR B 59 -35.88 -1.47 14.63
N TYR B 60 -36.35 -0.64 13.69
CA TYR B 60 -36.76 -1.08 12.36
C TYR B 60 -36.22 -0.12 11.33
N ALA B 61 -35.99 -0.60 10.10
CA ALA B 61 -35.63 0.23 8.96
C ALA B 61 -36.94 0.92 8.54
N ASP B 62 -36.83 2.13 8.01
CA ASP B 62 -37.98 2.92 7.54
C ASP B 62 -38.91 2.17 6.59
N SER B 63 -38.34 1.42 5.65
CA SER B 63 -39.06 0.69 4.60
C SER B 63 -39.96 -0.43 5.14
N VAL B 64 -39.71 -0.89 6.39
CA VAL B 64 -40.49 -2.01 6.92
C VAL B 64 -41.27 -1.64 8.18
N LYS B 65 -41.00 -0.44 8.76
CA LYS B 65 -41.67 -0.01 9.99
C LYS B 65 -43.18 0.01 9.74
N GLY B 66 -43.94 -0.52 10.69
CA GLY B 66 -45.40 -0.64 10.58
C GLY B 66 -45.84 -1.93 9.90
N ARG B 67 -45.00 -2.53 9.03
CA ARG B 67 -45.41 -3.76 8.35
C ARG B 67 -44.82 -5.02 8.97
N PHE B 68 -43.60 -4.90 9.50
CA PHE B 68 -42.92 -6.04 10.09
C PHE B 68 -42.89 -5.95 11.59
N THR B 69 -42.82 -7.12 12.26
CA THR B 69 -42.67 -7.23 13.69
C THR B 69 -41.59 -8.24 14.04
N ILE B 70 -40.61 -7.79 14.80
CA ILE B 70 -39.52 -8.66 15.26
C ILE B 70 -39.90 -9.14 16.67
N SER B 71 -39.59 -10.38 17.03
CA SER B 71 -39.89 -10.88 18.39
C SER B 71 -38.93 -12.03 18.64
N ARG B 72 -38.83 -12.47 19.86
CA ARG B 72 -37.97 -13.61 20.16
C ARG B 72 -38.60 -14.44 21.26
N ASP B 73 -38.15 -15.68 21.39
CA ASP B 73 -38.58 -16.54 22.46
C ASP B 73 -37.29 -17.09 23.01
N ASN B 74 -36.83 -16.49 24.12
CA ASN B 74 -35.56 -16.90 24.73
C ASN B 74 -35.57 -18.34 25.22
N ALA B 75 -36.75 -18.85 25.65
CA ALA B 75 -36.87 -20.25 26.10
C ALA B 75 -36.77 -21.25 24.93
N LYS B 76 -36.94 -20.78 23.69
CA LYS B 76 -36.84 -21.66 22.51
C LYS B 76 -35.60 -21.39 21.67
N ASN B 77 -34.70 -20.51 22.13
CA ASN B 77 -33.48 -20.08 21.40
C ASN B 77 -33.87 -19.61 19.99
N SER B 78 -35.00 -18.89 19.90
CA SER B 78 -35.52 -18.51 18.60
C SER B 78 -35.78 -17.03 18.42
N LEU B 79 -35.50 -16.55 17.19
CA LEU B 79 -35.76 -15.17 16.73
C LEU B 79 -36.84 -15.26 15.66
N TYR B 80 -37.79 -14.31 15.65
CA TYR B 80 -38.85 -14.33 14.65
C TYR B 80 -38.98 -13.01 13.91
N LEU B 81 -39.54 -13.08 12.70
CA LEU B 81 -39.87 -11.92 11.91
C LEU B 81 -41.20 -12.18 11.26
N GLN B 82 -42.23 -11.42 11.69
CA GLN B 82 -43.59 -11.47 11.13
C GLN B 82 -43.57 -10.38 10.05
N MET B 83 -43.76 -10.76 8.79
CA MET B 83 -43.72 -9.83 7.66
C MET B 83 -45.11 -9.76 7.04
N ASN B 84 -45.74 -8.58 7.12
CA ASN B 84 -47.10 -8.39 6.60
C ASN B 84 -47.10 -7.45 5.45
N SER B 85 -48.18 -7.50 4.64
CA SER B 85 -48.43 -6.62 3.49
C SER B 85 -47.22 -6.56 2.56
N LEU B 86 -46.70 -7.75 2.20
CA LEU B 86 -45.50 -7.91 1.38
C LEU B 86 -45.62 -7.34 -0.04
N ARG B 87 -44.59 -6.62 -0.47
CA ARG B 87 -44.56 -5.98 -1.78
C ARG B 87 -43.44 -6.63 -2.59
N ALA B 88 -43.33 -6.33 -3.92
CA ALA B 88 -42.25 -6.88 -4.77
C ALA B 88 -40.86 -6.56 -4.23
N GLU B 89 -40.70 -5.36 -3.62
CA GLU B 89 -39.48 -4.84 -3.01
C GLU B 89 -39.00 -5.64 -1.77
N ASP B 90 -39.84 -6.54 -1.25
CA ASP B 90 -39.48 -7.37 -0.10
C ASP B 90 -38.85 -8.68 -0.54
N THR B 91 -38.80 -8.94 -1.89
CA THR B 91 -38.16 -10.14 -2.41
C THR B 91 -36.70 -10.03 -2.05
N ALA B 92 -36.21 -11.04 -1.29
CA ALA B 92 -34.83 -11.03 -0.81
C ALA B 92 -34.55 -12.30 -0.10
N VAL B 93 -33.25 -12.55 0.15
CA VAL B 93 -32.78 -13.62 1.02
C VAL B 93 -32.74 -12.93 2.40
N TYR B 94 -33.33 -13.55 3.45
CA TYR B 94 -33.34 -12.96 4.80
C TYR B 94 -32.38 -13.67 5.69
N TYR B 95 -31.45 -12.93 6.26
CA TYR B 95 -30.47 -13.45 7.20
C TYR B 95 -30.76 -13.01 8.61
N CYS B 96 -30.52 -13.92 9.54
CA CYS B 96 -30.56 -13.78 10.97
C CYS B 96 -29.06 -13.55 11.37
N ALA B 97 -28.73 -12.56 12.23
CA ALA B 97 -27.37 -12.26 12.69
C ALA B 97 -27.32 -11.94 14.18
N ARG B 98 -26.25 -12.37 14.82
CA ARG B 98 -26.01 -12.11 16.23
C ARG B 98 -25.18 -10.85 16.35
N GLN B 99 -25.56 -9.97 17.26
CA GLN B 99 -24.83 -8.74 17.49
C GLN B 99 -24.04 -8.84 18.79
N VAL B 100 -22.76 -8.47 18.75
CA VAL B 100 -21.85 -8.47 19.92
C VAL B 100 -22.10 -7.15 20.62
N GLY B 101 -22.44 -7.18 21.91
CA GLY B 101 -22.75 -5.95 22.63
C GLY B 101 -21.65 -4.92 22.70
N ALA B 102 -20.40 -5.37 22.95
CA ALA B 102 -19.24 -4.49 23.14
C ALA B 102 -18.87 -3.63 21.94
N THR B 103 -19.12 -4.14 20.72
CA THR B 103 -18.72 -3.46 19.48
C THR B 103 -19.86 -3.22 18.47
N TRP B 104 -21.00 -3.93 18.61
CA TRP B 104 -22.18 -3.91 17.73
C TRP B 104 -21.95 -4.66 16.39
N ALA B 105 -20.86 -5.42 16.32
CA ALA B 105 -20.47 -6.23 15.18
C ALA B 105 -21.41 -7.43 15.03
N PHE B 106 -21.79 -7.76 13.78
CA PHE B 106 -22.62 -8.95 13.53
C PHE B 106 -21.65 -10.09 13.30
N ASP B 107 -21.27 -10.79 14.40
CA ASP B 107 -20.21 -11.78 14.33
C ASP B 107 -20.62 -13.18 13.83
N ILE B 108 -21.91 -13.50 13.86
CA ILE B 108 -22.44 -14.81 13.43
C ILE B 108 -23.67 -14.54 12.58
N TRP B 109 -23.71 -15.13 11.38
CA TRP B 109 -24.82 -14.99 10.44
C TRP B 109 -25.36 -16.36 10.11
N GLY B 110 -26.64 -16.43 9.77
CA GLY B 110 -27.28 -17.66 9.34
C GLY B 110 -27.04 -17.96 7.87
N GLN B 111 -27.69 -18.97 7.32
CA GLN B 111 -27.44 -19.29 5.90
C GLN B 111 -28.42 -18.58 4.98
N GLY B 112 -29.46 -18.02 5.58
CA GLY B 112 -30.45 -17.21 4.88
C GLY B 112 -31.59 -18.02 4.34
N THR B 113 -32.73 -17.35 4.17
CA THR B 113 -33.94 -17.98 3.65
C THR B 113 -34.54 -17.07 2.61
N LEU B 114 -34.81 -17.60 1.42
CA LEU B 114 -35.33 -16.81 0.32
C LEU B 114 -36.82 -16.63 0.42
N VAL B 115 -37.25 -15.37 0.26
CA VAL B 115 -38.66 -15.01 0.22
C VAL B 115 -38.86 -14.35 -1.12
N THR B 116 -39.72 -14.93 -1.97
CA THR B 116 -40.00 -14.30 -3.25
C THR B 116 -41.47 -13.95 -3.27
N VAL B 117 -41.76 -12.71 -3.58
CA VAL B 117 -43.10 -12.19 -3.66
C VAL B 117 -43.53 -12.29 -5.15
N SER B 118 -44.61 -13.04 -5.43
CA SER B 118 -45.26 -13.19 -6.74
C SER B 118 -46.62 -13.87 -6.63
N GLN B 136 -28.72 4.27 -4.11
CA GLN B 136 -29.82 4.25 -3.14
C GLN B 136 -29.36 3.93 -1.70
N SER B 137 -28.18 3.28 -1.52
CA SER B 137 -27.67 2.95 -0.19
C SER B 137 -27.22 4.21 0.53
N VAL B 138 -27.36 4.26 1.85
CA VAL B 138 -26.95 5.44 2.62
C VAL B 138 -25.40 5.59 2.62
N LEU B 139 -24.66 4.48 2.76
CA LEU B 139 -23.20 4.49 2.67
C LEU B 139 -22.85 4.23 1.22
N THR B 140 -21.87 4.96 0.69
CA THR B 140 -21.57 4.82 -0.73
C THR B 140 -20.22 4.16 -0.99
N GLN B 141 -20.29 3.02 -1.70
CA GLN B 141 -19.18 2.17 -2.09
C GLN B 141 -19.11 2.07 -3.62
N PRO B 142 -17.92 1.86 -4.21
CA PRO B 142 -17.85 1.59 -5.66
C PRO B 142 -18.52 0.24 -5.95
N PRO B 143 -19.28 0.04 -7.02
CA PRO B 143 -19.92 -1.28 -7.23
C PRO B 143 -18.96 -2.43 -7.54
N SER B 144 -17.81 -2.11 -8.17
CA SER B 144 -16.82 -3.09 -8.63
CA SER B 144 -16.83 -3.11 -8.56
C SER B 144 -15.37 -2.72 -8.29
N ALA B 145 -14.53 -3.74 -8.14
CA ALA B 145 -13.10 -3.62 -7.90
C ALA B 145 -12.45 -4.82 -8.57
N SER B 146 -11.22 -4.64 -9.04
CA SER B 146 -10.48 -5.76 -9.65
C SER B 146 -9.00 -5.55 -9.48
N GLY B 147 -8.28 -6.65 -9.48
CA GLY B 147 -6.83 -6.63 -9.38
C GLY B 147 -6.30 -8.03 -9.60
N THR B 148 -4.99 -8.12 -9.82
CA THR B 148 -4.34 -9.42 -10.00
C THR B 148 -3.78 -9.87 -8.63
N PRO B 149 -3.55 -11.18 -8.41
CA PRO B 149 -2.86 -11.61 -7.17
C PRO B 149 -1.56 -10.84 -6.89
N GLY B 150 -1.43 -10.31 -5.66
CA GLY B 150 -0.28 -9.51 -5.25
C GLY B 150 -0.48 -8.00 -5.31
N GLN B 151 -1.55 -7.52 -5.97
CA GLN B 151 -1.77 -6.07 -6.01
C GLN B 151 -2.40 -5.55 -4.73
N ARG B 152 -2.30 -4.25 -4.49
CA ARG B 152 -2.90 -3.62 -3.32
C ARG B 152 -4.13 -2.92 -3.82
N VAL B 153 -5.28 -3.25 -3.20
CA VAL B 153 -6.56 -2.65 -3.58
C VAL B 153 -7.16 -2.00 -2.36
N THR B 154 -7.73 -0.83 -2.56
CA THR B 154 -8.43 -0.14 -1.49
C THR B 154 -9.86 0.11 -1.96
N ILE B 155 -10.85 -0.17 -1.07
CA ILE B 155 -12.28 0.04 -1.32
C ILE B 155 -12.72 1.13 -0.36
N SER B 156 -13.24 2.25 -0.85
CA SER B 156 -13.72 3.33 0.02
C SER B 156 -15.24 3.21 0.33
N CYS B 157 -15.64 3.73 1.48
CA CYS B 157 -17.03 3.72 1.95
C CYS B 157 -17.30 5.13 2.44
N SER B 158 -18.07 5.91 1.67
CA SER B 158 -18.38 7.29 2.01
C SER B 158 -19.73 7.43 2.72
N GLY B 159 -19.67 7.98 3.93
CA GLY B 159 -20.86 8.22 4.75
C GLY B 159 -21.06 9.67 5.13
N SER B 160 -21.61 9.89 6.34
CA SER B 160 -21.87 11.23 6.80
C SER B 160 -21.64 11.33 8.28
N SER B 161 -21.78 12.57 8.81
CA SER B 161 -21.56 12.86 10.22
C SER B 161 -22.35 12.01 11.18
N SER B 162 -23.60 11.67 10.83
CA SER B 162 -24.46 10.92 11.73
C SER B 162 -24.21 9.41 11.73
N ASN B 163 -23.41 8.88 10.79
CA ASN B 163 -23.13 7.44 10.78
C ASN B 163 -21.64 7.16 10.98
N ILE B 164 -20.81 7.16 9.91
CA ILE B 164 -19.37 6.96 10.00
C ILE B 164 -18.76 8.06 10.90
N GLY B 165 -19.25 9.30 10.76
CA GLY B 165 -18.75 10.43 11.54
C GLY B 165 -18.97 10.33 13.03
N SER B 166 -19.95 9.51 13.48
CA SER B 166 -20.26 9.37 14.89
C SER B 166 -19.99 8.00 15.46
N ASN B 167 -20.06 6.96 14.63
CA ASN B 167 -20.02 5.58 15.07
C ASN B 167 -18.96 4.73 14.37
N THR B 168 -18.71 3.53 14.93
CA THR B 168 -17.70 2.67 14.35
C THR B 168 -18.21 2.03 13.06
N VAL B 169 -17.29 1.64 12.20
CA VAL B 169 -17.55 0.99 10.93
C VAL B 169 -17.24 -0.49 11.04
N ASN B 170 -18.12 -1.35 10.49
CA ASN B 170 -17.88 -2.77 10.38
C ASN B 170 -17.81 -3.10 8.87
N TRP B 171 -17.07 -4.12 8.52
CA TRP B 171 -16.95 -4.60 7.17
C TRP B 171 -17.29 -6.06 7.16
N TYR B 172 -18.02 -6.48 6.13
CA TYR B 172 -18.44 -7.88 5.98
C TYR B 172 -18.00 -8.37 4.62
N GLN B 173 -17.64 -9.66 4.55
CA GLN B 173 -17.21 -10.31 3.33
C GLN B 173 -18.20 -11.40 2.94
N GLN B 174 -18.73 -11.33 1.73
CA GLN B 174 -19.64 -12.34 1.21
C GLN B 174 -19.01 -13.08 0.02
N LEU B 175 -18.46 -14.27 0.29
CA LEU B 175 -17.86 -15.18 -0.69
C LEU B 175 -18.99 -15.66 -1.64
N PRO B 176 -18.76 -15.87 -2.96
CA PRO B 176 -19.87 -16.28 -3.84
C PRO B 176 -20.64 -17.51 -3.35
N GLY B 177 -21.96 -17.41 -3.37
CA GLY B 177 -22.88 -18.46 -2.91
C GLY B 177 -22.95 -18.70 -1.40
N THR B 178 -22.29 -17.84 -0.58
CA THR B 178 -22.28 -17.98 0.89
C THR B 178 -22.97 -16.79 1.58
N ALA B 179 -23.17 -16.93 2.90
CA ALA B 179 -23.76 -15.87 3.73
C ALA B 179 -22.65 -14.89 4.08
N PRO B 180 -22.93 -13.60 4.38
CA PRO B 180 -21.83 -12.70 4.77
C PRO B 180 -21.07 -13.13 6.03
N LYS B 181 -19.82 -12.65 6.20
CA LYS B 181 -19.02 -12.92 7.40
C LYS B 181 -18.36 -11.65 7.91
N LEU B 182 -18.22 -11.54 9.22
CA LEU B 182 -17.55 -10.39 9.81
C LEU B 182 -16.07 -10.33 9.37
N LEU B 183 -15.64 -9.20 8.84
CA LEU B 183 -14.26 -9.05 8.40
C LEU B 183 -13.49 -8.04 9.26
N ILE B 184 -14.10 -6.86 9.54
CA ILE B 184 -13.45 -5.81 10.34
C ILE B 184 -14.52 -5.27 11.30
N TYR B 185 -14.17 -5.04 12.58
CA TYR B 185 -15.09 -4.42 13.53
C TYR B 185 -14.40 -3.22 14.14
N SER B 186 -15.15 -2.30 14.76
CA SER B 186 -14.61 -1.10 15.43
C SER B 186 -13.60 -0.36 14.54
N ASN B 187 -13.93 -0.19 13.25
CA ASN B 187 -13.13 0.52 12.23
C ASN B 187 -11.92 -0.20 11.66
N ASN B 188 -11.08 -0.77 12.55
CA ASN B 188 -9.80 -1.31 12.13
C ASN B 188 -9.40 -2.60 12.83
N GLN B 189 -10.33 -3.25 13.52
CA GLN B 189 -10.00 -4.49 14.24
C GLN B 189 -10.33 -5.73 13.43
N ARG B 190 -9.40 -6.70 13.39
CA ARG B 190 -9.69 -7.95 12.70
C ARG B 190 -10.11 -8.98 13.72
N PRO B 191 -11.21 -9.73 13.49
CA PRO B 191 -11.50 -10.87 14.38
C PRO B 191 -10.47 -11.97 14.10
N SER B 192 -10.42 -12.99 14.97
CA SER B 192 -9.53 -14.14 14.78
C SER B 192 -10.06 -14.89 13.55
N GLY B 193 -9.18 -15.20 12.62
CA GLY B 193 -9.59 -15.87 11.40
C GLY B 193 -9.44 -15.02 10.16
N VAL B 194 -9.18 -13.71 10.36
CA VAL B 194 -9.04 -12.76 9.26
C VAL B 194 -7.55 -12.42 9.07
N PRO B 195 -7.00 -12.73 7.86
CA PRO B 195 -5.57 -12.48 7.60
C PRO B 195 -5.16 -11.03 7.76
N ASP B 196 -3.87 -10.80 8.11
CA ASP B 196 -3.29 -9.46 8.30
C ASP B 196 -3.33 -8.60 7.03
N ARG B 197 -3.60 -9.21 5.87
CA ARG B 197 -3.76 -8.56 4.54
C ARG B 197 -4.84 -7.47 4.62
N PHE B 198 -5.86 -7.73 5.45
CA PHE B 198 -7.01 -6.85 5.58
C PHE B 198 -6.81 -5.79 6.60
N SER B 199 -7.10 -4.56 6.20
CA SER B 199 -7.02 -3.45 7.14
C SER B 199 -8.10 -2.46 6.87
N GLY B 200 -8.71 -1.98 7.92
CA GLY B 200 -9.76 -0.97 7.79
C GLY B 200 -9.30 0.32 8.39
N SER B 201 -9.83 1.41 7.90
CA SER B 201 -9.49 2.72 8.49
C SER B 201 -10.71 3.59 8.38
N LYS B 202 -10.74 4.64 9.19
CA LYS B 202 -11.85 5.58 9.20
C LYS B 202 -11.24 6.95 9.38
N SER B 203 -11.67 7.90 8.58
CA SER B 203 -11.19 9.27 8.69
C SER B 203 -12.37 10.18 8.45
N GLY B 204 -12.82 10.86 9.50
CA GLY B 204 -13.96 11.78 9.41
C GLY B 204 -15.25 11.06 9.09
N THR B 205 -15.77 11.23 7.87
CA THR B 205 -17.05 10.66 7.43
C THR B 205 -16.93 9.58 6.36
N SER B 206 -15.71 9.05 6.16
CA SER B 206 -15.42 7.99 5.19
C SER B 206 -14.60 6.90 5.85
N ALA B 207 -14.65 5.71 5.30
CA ALA B 207 -13.91 4.55 5.79
C ALA B 207 -13.34 3.84 4.57
N SER B 208 -12.32 3.04 4.78
CA SER B 208 -11.69 2.33 3.67
C SER B 208 -11.33 0.95 4.15
N LEU B 209 -11.32 0.00 3.25
CA LEU B 209 -10.87 -1.35 3.48
C LEU B 209 -9.73 -1.56 2.47
N ALA B 210 -8.55 -1.93 2.96
CA ALA B 210 -7.40 -2.17 2.09
C ALA B 210 -6.96 -3.62 2.20
N ILE B 211 -6.63 -4.22 1.05
CA ILE B 211 -6.12 -5.58 0.95
C ILE B 211 -4.69 -5.45 0.39
N SER B 212 -3.66 -5.66 1.24
CA SER B 212 -2.26 -5.57 0.82
CA SER B 212 -2.25 -5.57 0.83
C SER B 212 -1.75 -6.90 0.27
N GLY B 213 -1.80 -7.01 -1.05
CA GLY B 213 -1.37 -8.20 -1.78
C GLY B 213 -2.53 -9.15 -1.95
N LEU B 214 -3.38 -8.91 -2.96
CA LEU B 214 -4.54 -9.77 -3.25
C LEU B 214 -4.18 -11.25 -3.39
N GLN B 215 -5.06 -12.12 -2.98
CA GLN B 215 -4.94 -13.56 -3.19
C GLN B 215 -6.22 -13.93 -3.93
N SER B 216 -6.24 -15.01 -4.76
CA SER B 216 -7.46 -15.36 -5.54
C SER B 216 -8.70 -15.56 -4.69
N GLU B 217 -8.52 -16.10 -3.47
CA GLU B 217 -9.58 -16.36 -2.50
C GLU B 217 -10.27 -15.08 -1.98
N ASP B 218 -9.76 -13.89 -2.32
CA ASP B 218 -10.34 -12.61 -1.89
C ASP B 218 -11.51 -12.17 -2.79
N GLU B 219 -11.81 -12.96 -3.84
CA GLU B 219 -12.92 -12.70 -4.76
C GLU B 219 -14.21 -12.85 -3.97
N ALA B 220 -14.92 -11.74 -3.77
CA ALA B 220 -16.13 -11.72 -2.95
C ALA B 220 -16.77 -10.38 -3.07
N ASP B 221 -17.95 -10.23 -2.42
CA ASP B 221 -18.65 -8.96 -2.29
C ASP B 221 -18.28 -8.43 -0.91
N TYR B 222 -17.88 -7.13 -0.80
CA TYR B 222 -17.53 -6.50 0.46
C TYR B 222 -18.52 -5.43 0.83
N TYR B 223 -18.93 -5.38 2.11
CA TYR B 223 -19.91 -4.40 2.59
C TYR B 223 -19.41 -3.67 3.81
N CYS B 224 -19.58 -2.34 3.86
CA CYS B 224 -19.29 -1.54 5.06
C CYS B 224 -20.65 -1.34 5.74
N ALA B 225 -20.63 -1.12 7.06
CA ALA B 225 -21.84 -0.92 7.85
C ALA B 225 -21.56 -0.06 9.04
N ALA B 226 -22.55 0.77 9.43
CA ALA B 226 -22.38 1.62 10.59
C ALA B 226 -23.75 1.98 11.11
N TRP B 227 -23.85 2.24 12.41
CA TRP B 227 -25.08 2.71 12.97
C TRP B 227 -25.25 4.20 12.61
N ASP B 228 -26.46 4.60 12.24
CA ASP B 228 -26.75 5.99 11.92
C ASP B 228 -27.62 6.57 13.02
N ASP B 229 -27.11 7.62 13.69
CA ASP B 229 -27.81 8.32 14.77
C ASP B 229 -29.01 9.13 14.32
N SER B 230 -29.08 9.56 13.05
CA SER B 230 -30.23 10.32 12.57
C SER B 230 -31.38 9.39 12.26
N LEU B 231 -31.07 8.27 11.60
CA LEU B 231 -32.09 7.32 11.19
C LEU B 231 -32.49 6.31 12.25
N ASN B 232 -31.68 6.19 13.33
CA ASN B 232 -31.83 5.17 14.39
C ASN B 232 -31.93 3.83 13.65
N ALA B 233 -30.94 3.57 12.79
CA ALA B 233 -30.92 2.36 11.96
C ALA B 233 -29.50 2.04 11.57
N TRP B 234 -29.24 0.77 11.21
CA TRP B 234 -27.96 0.39 10.67
C TRP B 234 -28.04 0.77 9.21
N VAL B 235 -26.93 1.22 8.64
CA VAL B 235 -26.81 1.56 7.23
C VAL B 235 -25.66 0.73 6.64
N PHE B 236 -25.92 0.01 5.56
CA PHE B 236 -24.92 -0.83 4.86
C PHE B 236 -24.69 -0.19 3.54
N GLY B 237 -23.46 -0.32 3.04
CA GLY B 237 -23.15 0.18 1.72
C GLY B 237 -23.78 -0.75 0.68
N GLY B 238 -23.78 -0.33 -0.58
CA GLY B 238 -24.37 -1.13 -1.66
C GLY B 238 -23.56 -2.36 -2.03
N GLY B 239 -22.35 -2.46 -1.50
CA GLY B 239 -21.45 -3.57 -1.76
C GLY B 239 -20.51 -3.33 -2.91
N THR B 240 -19.31 -3.92 -2.84
CA THR B 240 -18.29 -3.85 -3.90
C THR B 240 -17.94 -5.28 -4.27
N LYS B 241 -18.15 -5.61 -5.53
CA LYS B 241 -17.84 -6.93 -6.04
C LYS B 241 -16.36 -6.88 -6.44
N LEU B 242 -15.52 -7.68 -5.76
CA LEU B 242 -14.11 -7.73 -6.06
C LEU B 242 -13.77 -8.95 -6.89
N THR B 243 -13.24 -8.74 -8.10
CA THR B 243 -12.79 -9.80 -9.00
C THR B 243 -11.26 -9.90 -8.88
N VAL B 244 -10.74 -11.12 -8.67
CA VAL B 244 -9.32 -11.37 -8.54
C VAL B 244 -8.98 -12.29 -9.68
N LEU B 245 -8.11 -11.82 -10.58
CA LEU B 245 -7.69 -12.62 -11.73
C LEU B 245 -6.31 -12.28 -12.18
N GLY B 246 -5.60 -13.32 -12.60
CA GLY B 246 -4.24 -13.17 -13.12
C GLY B 246 -4.27 -12.40 -14.43
N ALA B 247 -3.12 -11.85 -14.82
CA ALA B 247 -3.01 -11.10 -16.08
C ALA B 247 -3.30 -11.98 -17.30
N ALA B 248 -3.92 -11.38 -18.33
CA ALA B 248 -4.25 -12.01 -19.59
C ALA B 248 -3.01 -12.06 -20.56
N ALA B 249 -2.93 -11.15 -21.62
CA ALA B 249 -1.85 -11.14 -22.66
C ALA B 249 -1.76 -9.87 -23.60
N GLU B 250 -1.02 -10.03 -24.77
CA GLU B 250 -0.73 -9.23 -25.99
C GLU B 250 -0.46 -7.69 -25.91
N ASN B 251 0.49 -7.21 -26.77
CA ASN B 251 0.91 -5.80 -26.85
C ASN B 251 1.43 -5.39 -28.24
N LEU B 252 1.17 -4.15 -28.66
CA LEU B 252 1.61 -3.64 -29.97
C LEU B 252 2.27 -2.26 -29.79
N TYR B 253 3.50 -2.09 -30.33
CA TYR B 253 4.24 -0.83 -30.21
C TYR B 253 4.63 -0.33 -31.59
O1 TLA C . -25.94 -3.72 23.65
O11 TLA C . -26.15 -3.07 25.76
C1 TLA C . -26.49 -3.75 24.83
C2 TLA C . -27.60 -4.79 24.98
O2 TLA C . -28.18 -4.70 26.27
C3 TLA C . -27.02 -6.21 24.78
O3 TLA C . -26.00 -6.46 25.73
C4 TLA C . -28.14 -7.22 24.99
O4 TLA C . -29.11 -7.10 24.15
O41 TLA C . -28.12 -8.01 25.90
O1 TLA D . -29.08 -7.58 28.93
O11 TLA D . -29.18 -5.39 29.35
C1 TLA D . -29.71 -6.55 29.06
C2 TLA D . -31.22 -6.53 28.88
O2 TLA D . -31.69 -7.83 28.55
C3 TLA D . -31.59 -5.53 27.77
O3 TLA D . -30.92 -5.87 26.56
C4 TLA D . -33.09 -5.55 27.56
O4 TLA D . -33.58 -5.91 26.52
O41 TLA D . -33.78 -5.22 28.63
#